data_7QIB
#
_entry.id   7QIB
#
_cell.length_a   70.045
_cell.length_b   89.957
_cell.length_c   95.217
_cell.angle_alpha   90.000
_cell.angle_beta   90.000
_cell.angle_gamma   90.000
#
_symmetry.space_group_name_H-M   'P 21 21 21'
#
loop_
_entity.id
_entity.type
_entity.pdbx_description
1 polymer 'Glucosyl-3-phosphoglycerate synthase'
2 non-polymer 'MAGNESIUM ION'
3 non-polymer "URIDINE-5'-DIPHOSPHATE"
4 non-polymer 'CHLORIDE ION'
5 water water
#
_entity_poly.entity_id   1
_entity_poly.type   'polypeptide(L)'
_entity_poly.pdbx_seq_one_letter_code
;MTLVPDLTATDLARHRWLTDNSWTRPTWTVAELEAAKAGRTISVVLPALNEEETVGGVVETIRPLLGGLVDELIVLDSGS
TDDTEIRAMAAGARVISREVALPEVAPQPGKGEVLWRSLAATTGDIIVFIDSDLIDPDPMFVPKLVGPLLLSEGVHLVKG
FYRRPLKTSGSEDAHGGGRVTELVARPLLAALRPELTCVLQPLGGEYAGTRELLMSVPFAPGYGVEIGLLVDTYDRLGLD
AIAQVNLGVRAHRNRPLTDLAAMSRQVIATLFSRCGVPDSGVGLTQFFADGDGFSPRTSEVSLVDRPPMNTLRGKLAAAL
EHHHHHH
;
_entity_poly.pdbx_strand_id   A,B
#
loop_
_chem_comp.id
_chem_comp.type
_chem_comp.name
_chem_comp.formula
CL non-polymer 'CHLORIDE ION' 'Cl -1'
MG non-polymer 'MAGNESIUM ION' 'Mg 2'
UDP RNA linking URIDINE-5'-DIPHOSPHATE 'C9 H14 N2 O12 P2'
#
# COMPACT_ATOMS: atom_id res chain seq x y z
N LEU A 7 4.35 10.22 -23.09
CA LEU A 7 2.97 9.84 -22.79
C LEU A 7 2.74 8.35 -22.99
N THR A 8 2.18 7.69 -21.98
CA THR A 8 1.93 6.26 -22.03
C THR A 8 0.50 5.97 -22.45
N ALA A 9 0.23 4.70 -22.76
CA ALA A 9 -1.14 4.30 -23.08
C ALA A 9 -2.08 4.61 -21.91
N THR A 10 -1.61 4.47 -20.67
CA THR A 10 -2.42 4.83 -19.51
C THR A 10 -2.72 6.33 -19.48
N ASP A 11 -1.70 7.15 -19.77
CA ASP A 11 -1.90 8.60 -19.81
C ASP A 11 -2.94 8.98 -20.85
N LEU A 12 -2.83 8.39 -22.05
CA LEU A 12 -3.72 8.76 -23.14
C LEU A 12 -5.16 8.41 -22.81
N ALA A 13 -5.38 7.19 -22.32
CA ALA A 13 -6.72 6.81 -21.91
C ALA A 13 -7.24 7.71 -20.79
N ARG A 14 -6.38 8.03 -19.81
CA ARG A 14 -6.83 8.90 -18.72
C ARG A 14 -7.29 10.24 -19.25
N HIS A 15 -6.51 10.84 -20.16
CA HIS A 15 -6.85 12.16 -20.66
C HIS A 15 -8.24 12.17 -21.29
N ARG A 16 -8.50 11.20 -22.18
CA ARG A 16 -9.80 11.17 -22.84
C ARG A 16 -10.90 10.77 -21.88
N TRP A 17 -10.61 9.85 -20.95
CA TRP A 17 -11.63 9.46 -19.97
C TRP A 17 -12.06 10.67 -19.15
N LEU A 18 -11.11 11.51 -18.73
CA LEU A 18 -11.49 12.70 -17.97
C LEU A 18 -12.37 13.63 -18.80
N THR A 19 -12.06 13.76 -20.09
CA THR A 19 -12.84 14.61 -21.00
C THR A 19 -14.29 14.16 -21.10
N ASP A 20 -14.52 12.85 -21.12
CA ASP A 20 -15.83 12.27 -21.39
C ASP A 20 -16.58 11.86 -20.14
N ASN A 21 -15.87 11.43 -19.09
CA ASN A 21 -16.49 10.72 -17.98
C ASN A 21 -16.23 11.35 -16.61
N SER A 22 -15.61 12.52 -16.53
CA SER A 22 -15.34 13.18 -15.27
C SER A 22 -15.94 14.59 -15.29
N TRP A 23 -16.57 14.98 -14.18
CA TRP A 23 -17.13 16.33 -14.07
C TRP A 23 -16.61 17.03 -12.83
N THR A 24 -15.81 18.09 -13.03
CA THR A 24 -15.40 18.94 -11.92
CA THR A 24 -15.42 18.93 -11.90
C THR A 24 -16.54 19.84 -11.46
N ARG A 25 -17.48 20.16 -12.34
CA ARG A 25 -18.64 20.98 -12.00
C ARG A 25 -19.90 20.28 -12.49
N PRO A 26 -20.36 19.26 -11.75
CA PRO A 26 -21.60 18.51 -12.10
C PRO A 26 -22.85 19.28 -11.71
N THR A 27 -23.14 20.34 -12.50
CA THR A 27 -24.09 21.37 -12.12
C THR A 27 -25.50 21.15 -12.68
N TRP A 28 -25.84 19.92 -13.07
CA TRP A 28 -27.21 19.63 -13.51
C TRP A 28 -28.21 20.06 -12.46
N THR A 29 -29.35 20.58 -12.90
CA THR A 29 -30.40 20.94 -11.97
C THR A 29 -31.23 19.72 -11.59
N VAL A 30 -31.83 19.79 -10.40
CA VAL A 30 -32.71 18.70 -9.96
C VAL A 30 -33.86 18.53 -10.94
N ALA A 31 -34.45 19.63 -11.40
CA ALA A 31 -35.59 19.54 -12.31
C ALA A 31 -35.20 18.87 -13.62
N GLU A 32 -34.00 19.18 -14.13
CA GLU A 32 -33.54 18.54 -15.35
C GLU A 32 -33.35 17.04 -15.15
N LEU A 33 -32.83 16.65 -14.00
CA LEU A 33 -32.58 15.23 -13.75
C LEU A 33 -33.88 14.46 -13.57
N GLU A 34 -34.85 15.06 -12.86
CA GLU A 34 -36.17 14.45 -12.73
C GLU A 34 -36.79 14.18 -14.08
N ALA A 35 -36.71 15.16 -14.99
CA ALA A 35 -37.26 15.01 -16.32
C ALA A 35 -36.53 13.95 -17.15
N ALA A 36 -35.30 13.62 -16.80
CA ALA A 36 -34.55 12.61 -17.52
C ALA A 36 -34.77 11.20 -17.01
N LYS A 37 -35.49 11.04 -15.89
CA LYS A 37 -35.64 9.70 -15.31
C LYS A 37 -36.34 8.75 -16.28
N ALA A 38 -37.33 9.25 -17.02
CA ALA A 38 -37.97 8.49 -18.09
C ALA A 38 -38.51 7.15 -17.60
N GLY A 39 -39.11 7.16 -16.41
CA GLY A 39 -39.67 5.96 -15.81
C GLY A 39 -38.74 5.24 -14.85
N ARG A 40 -37.44 5.51 -14.91
CA ARG A 40 -36.51 4.92 -13.95
C ARG A 40 -36.75 5.50 -12.56
N THR A 41 -36.45 4.69 -11.54
CA THR A 41 -36.56 5.12 -10.16
C THR A 41 -35.20 5.09 -9.49
N ILE A 42 -35.07 5.88 -8.42
CA ILE A 42 -33.80 6.12 -7.75
C ILE A 42 -33.95 5.79 -6.26
N SER A 43 -33.12 4.88 -5.77
CA SER A 43 -33.07 4.54 -4.34
C SER A 43 -31.77 5.09 -3.77
N VAL A 44 -31.84 5.72 -2.60
CA VAL A 44 -30.67 6.17 -1.87
C VAL A 44 -30.54 5.34 -0.61
N VAL A 45 -29.35 4.78 -0.39
CA VAL A 45 -29.05 3.92 0.73
C VAL A 45 -27.94 4.52 1.56
N LEU A 46 -28.18 4.68 2.86
CA LEU A 46 -27.15 5.04 3.82
C LEU A 46 -26.85 3.81 4.66
N PRO A 47 -25.67 3.19 4.55
CA PRO A 47 -25.28 2.20 5.55
C PRO A 47 -24.96 2.88 6.86
N ALA A 48 -25.31 2.24 7.98
CA ALA A 48 -25.06 2.89 9.25
C ALA A 48 -24.76 1.88 10.36
N LEU A 49 -23.63 2.07 11.02
CA LEU A 49 -23.30 1.36 12.25
C LEU A 49 -22.86 2.39 13.29
N ASN A 50 -23.75 2.67 14.26
CA ASN A 50 -23.44 3.57 15.38
C ASN A 50 -23.00 4.96 14.89
N GLU A 51 -23.92 5.61 14.19
CA GLU A 51 -23.65 6.96 13.70
C GLU A 51 -24.67 7.95 14.22
N GLU A 52 -24.97 7.89 15.53
CA GLU A 52 -26.08 8.70 16.02
C GLU A 52 -25.80 10.19 15.88
N GLU A 53 -24.53 10.62 15.88
CA GLU A 53 -24.25 12.05 15.84
C GLU A 53 -24.44 12.66 14.46
N THR A 54 -24.38 11.86 13.39
CA THR A 54 -24.37 12.39 12.03
C THR A 54 -25.48 11.88 11.13
N VAL A 55 -26.10 10.74 11.41
CA VAL A 55 -27.00 10.13 10.43
C VAL A 55 -28.17 11.06 10.12
N GLY A 56 -28.71 11.72 11.14
CA GLY A 56 -29.83 12.63 10.90
C GLY A 56 -29.47 13.77 9.97
N GLY A 57 -28.27 14.34 10.15
CA GLY A 57 -27.84 15.41 9.27
C GLY A 57 -27.73 14.98 7.82
N VAL A 58 -27.27 13.74 7.59
CA VAL A 58 -27.17 13.26 6.22
C VAL A 58 -28.55 13.06 5.63
N VAL A 59 -29.44 12.38 6.38
CA VAL A 59 -30.82 12.19 5.93
C VAL A 59 -31.47 13.52 5.60
N GLU A 60 -31.25 14.54 6.45
CA GLU A 60 -31.89 15.84 6.26
C GLU A 60 -31.48 16.51 4.95
N THR A 61 -30.24 16.26 4.48
CA THR A 61 -29.83 16.85 3.21
C THR A 61 -30.42 16.13 2.00
N ILE A 62 -30.95 14.92 2.17
CA ILE A 62 -31.46 14.17 1.03
C ILE A 62 -32.98 14.27 0.98
N ARG A 63 -33.60 14.40 2.15
CA ARG A 63 -35.05 14.45 2.28
C ARG A 63 -35.76 15.40 1.29
N PRO A 64 -35.28 16.61 1.01
CA PRO A 64 -35.99 17.47 0.05
C PRO A 64 -36.20 16.84 -1.32
N LEU A 65 -35.41 15.85 -1.68
CA LEU A 65 -35.52 15.18 -2.98
C LEU A 65 -36.57 14.09 -2.99
N LEU A 66 -37.09 13.68 -1.83
CA LEU A 66 -38.03 12.55 -1.79
C LEU A 66 -39.36 12.93 -2.43
N GLY A 67 -39.90 12.00 -3.22
CA GLY A 67 -41.09 12.27 -4.00
C GLY A 67 -40.85 12.98 -5.32
N GLY A 68 -39.60 13.37 -5.61
CA GLY A 68 -39.27 13.95 -6.89
C GLY A 68 -38.14 13.14 -7.50
N LEU A 69 -36.93 13.68 -7.42
CA LEU A 69 -35.77 12.97 -7.97
C LEU A 69 -35.56 11.62 -7.29
N VAL A 70 -35.71 11.57 -5.95
CA VAL A 70 -35.42 10.37 -5.18
C VAL A 70 -36.72 9.67 -4.83
N ASP A 71 -36.80 8.38 -5.12
CA ASP A 71 -38.02 7.62 -4.87
C ASP A 71 -38.03 6.93 -3.51
N GLU A 72 -36.87 6.56 -2.98
CA GLU A 72 -36.84 6.05 -1.61
C GLU A 72 -35.50 6.38 -0.98
N LEU A 73 -35.54 6.57 0.34
CA LEU A 73 -34.37 6.94 1.15
C LEU A 73 -34.34 5.98 2.32
N ILE A 74 -33.37 5.08 2.33
CA ILE A 74 -33.30 3.99 3.29
C ILE A 74 -32.00 4.08 4.06
N VAL A 75 -32.08 3.95 5.38
CA VAL A 75 -30.92 3.71 6.21
C VAL A 75 -30.90 2.22 6.51
N LEU A 76 -29.86 1.53 6.03
CA LEU A 76 -29.71 0.09 6.24
C LEU A 76 -28.86 -0.05 7.49
N ASP A 77 -29.52 -0.28 8.64
CA ASP A 77 -28.79 -0.35 9.89
C ASP A 77 -28.03 -1.66 10.01
N SER A 78 -26.79 -1.55 10.51
CA SER A 78 -25.81 -2.62 10.54
C SER A 78 -25.68 -3.23 11.94
N GLY A 79 -26.66 -2.99 12.81
CA GLY A 79 -26.64 -3.57 14.14
C GLY A 79 -26.26 -2.56 15.20
N SER A 80 -26.68 -1.31 15.02
CA SER A 80 -26.32 -0.23 15.93
C SER A 80 -26.85 -0.47 17.35
N THR A 81 -26.11 0.07 18.32
CA THR A 81 -26.53 0.04 19.72
C THR A 81 -26.72 1.43 20.29
N ASP A 82 -26.45 2.48 19.52
CA ASP A 82 -26.76 3.84 19.93
C ASP A 82 -28.12 4.24 19.36
N ASP A 83 -28.37 5.55 19.24
CA ASP A 83 -29.65 6.04 18.76
C ASP A 83 -29.68 6.26 17.25
N THR A 84 -28.85 5.54 16.47
CA THR A 84 -28.81 5.73 15.02
C THR A 84 -30.19 5.56 14.38
N GLU A 85 -30.89 4.48 14.73
CA GLU A 85 -32.11 4.12 14.01
C GLU A 85 -33.21 5.16 14.26
N ILE A 86 -33.45 5.52 15.52
CA ILE A 86 -34.53 6.45 15.80
C ILE A 86 -34.21 7.85 15.27
N ARG A 87 -32.94 8.25 15.30
CA ARG A 87 -32.59 9.55 14.73
C ARG A 87 -32.80 9.56 13.23
N ALA A 88 -32.51 8.44 12.56
CA ALA A 88 -32.76 8.37 11.12
C ALA A 88 -34.26 8.41 10.83
N MET A 89 -35.07 7.77 11.68
CA MET A 89 -36.52 7.83 11.53
C MET A 89 -37.03 9.26 11.65
N ALA A 90 -36.65 9.94 12.73
CA ALA A 90 -37.15 11.30 12.95
C ALA A 90 -36.69 12.23 11.83
N ALA A 91 -35.50 11.99 11.26
CA ALA A 91 -35.02 12.84 10.18
C ALA A 91 -35.74 12.57 8.86
N GLY A 92 -36.50 11.48 8.76
CA GLY A 92 -37.31 11.23 7.60
C GLY A 92 -36.89 10.08 6.71
N ALA A 93 -36.09 9.14 7.21
CA ALA A 93 -35.66 8.00 6.41
C ALA A 93 -36.48 6.76 6.78
N ARG A 94 -36.44 5.77 5.88
CA ARG A 94 -36.90 4.43 6.19
C ARG A 94 -35.73 3.62 6.72
N VAL A 95 -35.91 2.99 7.87
CA VAL A 95 -34.84 2.22 8.50
C VAL A 95 -35.14 0.74 8.33
N ILE A 96 -34.20 0.00 7.76
CA ILE A 96 -34.33 -1.44 7.54
C ILE A 96 -33.10 -2.12 8.09
N SER A 97 -33.30 -3.17 8.89
CA SER A 97 -32.18 -3.94 9.42
C SER A 97 -31.62 -4.91 8.36
N ARG A 98 -30.41 -5.40 8.62
CA ARG A 98 -29.82 -6.39 7.73
C ARG A 98 -30.70 -7.64 7.64
N GLU A 99 -31.29 -8.05 8.78
CA GLU A 99 -32.10 -9.25 8.82
C GLU A 99 -33.40 -9.10 8.03
N VAL A 100 -34.05 -7.94 8.13
CA VAL A 100 -35.27 -7.73 7.35
C VAL A 100 -34.94 -7.58 5.86
N ALA A 101 -33.79 -6.98 5.52
CA ALA A 101 -33.46 -6.76 4.11
C ALA A 101 -33.33 -8.08 3.34
N LEU A 102 -32.80 -9.12 3.98
CA LEU A 102 -32.55 -10.39 3.32
C LEU A 102 -32.68 -11.51 4.35
N PRO A 103 -33.91 -11.94 4.63
CA PRO A 103 -34.13 -12.84 5.76
C PRO A 103 -33.51 -14.21 5.57
N GLU A 104 -33.33 -14.68 4.34
CA GLU A 104 -32.89 -16.05 4.12
C GLU A 104 -31.41 -16.27 4.36
N VAL A 105 -30.62 -15.21 4.54
CA VAL A 105 -29.17 -15.32 4.70
C VAL A 105 -28.76 -14.70 6.03
N ALA A 106 -28.01 -15.45 6.82
CA ALA A 106 -27.52 -14.91 8.09
C ALA A 106 -26.48 -13.82 7.82
N PRO A 107 -26.51 -12.73 8.57
CA PRO A 107 -25.56 -11.64 8.32
C PRO A 107 -24.15 -11.98 8.78
N GLN A 108 -23.19 -11.28 8.20
CA GLN A 108 -21.81 -11.26 8.67
C GLN A 108 -21.38 -9.80 8.78
N PRO A 109 -20.34 -9.51 9.55
CA PRO A 109 -19.98 -8.11 9.82
C PRO A 109 -19.46 -7.39 8.58
N GLY A 110 -19.52 -6.07 8.63
CA GLY A 110 -18.81 -5.26 7.65
C GLY A 110 -19.73 -4.47 6.75
N LYS A 111 -19.15 -3.42 6.15
CA LYS A 111 -19.93 -2.52 5.30
C LYS A 111 -20.41 -3.20 4.04
N GLY A 112 -19.57 -4.06 3.45
CA GLY A 112 -19.95 -4.69 2.19
C GLY A 112 -21.23 -5.48 2.32
N GLU A 113 -21.42 -6.14 3.47
CA GLU A 113 -22.65 -6.89 3.72
C GLU A 113 -23.87 -5.99 3.66
N VAL A 114 -23.75 -4.79 4.23
CA VAL A 114 -24.87 -3.86 4.30
C VAL A 114 -25.27 -3.39 2.90
N LEU A 115 -24.28 -3.02 2.09
CA LEU A 115 -24.59 -2.55 0.74
C LEU A 115 -25.18 -3.67 -0.10
N TRP A 116 -24.65 -4.89 0.04
CA TRP A 116 -25.18 -6.01 -0.71
C TRP A 116 -26.62 -6.28 -0.33
N ARG A 117 -26.92 -6.33 0.97
CA ARG A 117 -28.28 -6.55 1.42
C ARG A 117 -29.22 -5.45 0.94
N SER A 118 -28.73 -4.22 0.83
CA SER A 118 -29.61 -3.14 0.41
C SER A 118 -30.15 -3.35 -1.00
N LEU A 119 -29.46 -4.15 -1.84
CA LEU A 119 -30.01 -4.44 -3.17
C LEU A 119 -31.29 -5.23 -3.08
N ALA A 120 -31.45 -6.06 -2.05
CA ALA A 120 -32.71 -6.77 -1.88
C ALA A 120 -33.79 -5.92 -1.25
N ALA A 121 -33.43 -4.85 -0.55
CA ALA A 121 -34.40 -4.01 0.16
C ALA A 121 -34.89 -2.82 -0.66
N THR A 122 -34.26 -2.54 -1.79
CA THR A 122 -34.57 -1.39 -2.62
C THR A 122 -35.23 -1.85 -3.92
N THR A 123 -35.90 -0.91 -4.58
CA THR A 123 -36.50 -1.18 -5.88
C THR A 123 -35.97 -0.28 -7.00
N GLY A 124 -35.11 0.69 -6.70
CA GLY A 124 -34.72 1.67 -7.72
C GLY A 124 -33.88 1.06 -8.83
N ASP A 125 -34.07 1.59 -10.04
CA ASP A 125 -33.24 1.22 -11.18
C ASP A 125 -31.83 1.76 -11.05
N ILE A 126 -31.67 2.79 -10.24
CA ILE A 126 -30.39 3.38 -9.88
C ILE A 126 -30.32 3.36 -8.35
N ILE A 127 -29.20 2.93 -7.81
CA ILE A 127 -28.99 2.91 -6.36
C ILE A 127 -27.82 3.81 -6.02
N VAL A 128 -28.02 4.69 -5.05
CA VAL A 128 -27.01 5.64 -4.61
C VAL A 128 -26.61 5.27 -3.19
N PHE A 129 -25.30 5.19 -2.94
CA PHE A 129 -24.77 4.94 -1.61
C PHE A 129 -24.10 6.20 -1.07
N ILE A 130 -24.44 6.58 0.17
CA ILE A 130 -23.87 7.74 0.85
CA ILE A 130 -23.82 7.72 0.84
C ILE A 130 -23.53 7.30 2.28
N ASP A 131 -22.31 7.59 2.73
CA ASP A 131 -21.94 7.20 4.09
C ASP A 131 -22.73 8.02 5.11
N SER A 132 -23.12 7.38 6.20
CA SER A 132 -23.90 8.03 7.24
C SER A 132 -23.03 8.75 8.27
N ASP A 133 -21.70 8.64 8.18
CA ASP A 133 -20.81 9.30 9.13
C ASP A 133 -20.32 10.66 8.63
N LEU A 134 -20.88 11.19 7.56
CA LEU A 134 -20.42 12.46 7.02
C LEU A 134 -20.78 13.62 7.95
N ILE A 135 -19.77 14.47 8.22
CA ILE A 135 -19.96 15.62 9.11
C ILE A 135 -20.69 16.76 8.40
N ASP A 136 -20.32 17.03 7.15
CA ASP A 136 -20.90 18.15 6.39
C ASP A 136 -21.46 17.64 5.07
N PRO A 137 -22.56 16.90 5.10
CA PRO A 137 -23.22 16.50 3.85
C PRO A 137 -23.77 17.72 3.13
N ASP A 138 -23.79 17.63 1.80
CA ASP A 138 -24.33 18.70 0.98
C ASP A 138 -25.55 18.20 0.21
N PRO A 139 -26.59 19.03 0.09
CA PRO A 139 -27.84 18.56 -0.54
C PRO A 139 -27.70 18.17 -1.99
N MET A 140 -26.65 18.60 -2.68
CA MET A 140 -26.51 18.26 -4.08
C MET A 140 -25.72 16.98 -4.32
N PHE A 141 -25.38 16.21 -3.28
CA PHE A 141 -24.65 14.96 -3.48
C PHE A 141 -25.39 14.04 -4.45
N VAL A 142 -26.65 13.72 -4.12
CA VAL A 142 -27.39 12.77 -4.95
C VAL A 142 -27.55 13.24 -6.39
N PRO A 143 -27.97 14.49 -6.67
CA PRO A 143 -28.07 14.91 -8.07
C PRO A 143 -26.76 14.75 -8.82
N LYS A 144 -25.65 15.10 -8.18
CA LYS A 144 -24.36 14.99 -8.85
C LYS A 144 -24.01 13.54 -9.15
N LEU A 145 -24.32 12.64 -8.23
CA LEU A 145 -23.97 11.23 -8.45
C LEU A 145 -24.83 10.58 -9.52
N VAL A 146 -26.09 11.01 -9.68
CA VAL A 146 -26.96 10.32 -10.63
C VAL A 146 -26.94 10.96 -12.01
N GLY A 147 -26.39 12.17 -12.14
CA GLY A 147 -26.33 12.86 -13.41
C GLY A 147 -25.84 12.01 -14.56
N PRO A 148 -24.66 11.41 -14.43
CA PRO A 148 -24.13 10.61 -15.55
C PRO A 148 -24.94 9.35 -15.81
N LEU A 149 -25.54 8.76 -14.78
CA LEU A 149 -26.38 7.60 -15.01
C LEU A 149 -27.63 7.96 -15.79
N LEU A 150 -28.18 9.16 -15.58
CA LEU A 150 -29.41 9.52 -16.27
C LEU A 150 -29.16 10.10 -17.65
N LEU A 151 -27.99 10.70 -17.90
CA LEU A 151 -27.78 11.50 -19.09
C LEU A 151 -26.68 10.97 -20.01
N SER A 152 -25.80 10.11 -19.55
CA SER A 152 -24.60 9.71 -20.30
C SER A 152 -24.71 8.24 -20.69
N GLU A 153 -24.79 8.00 -22.00
CA GLU A 153 -24.91 6.64 -22.52
C GLU A 153 -23.74 5.78 -22.04
N GLY A 154 -24.07 4.58 -21.56
CA GLY A 154 -23.07 3.58 -21.24
C GLY A 154 -22.48 3.64 -19.84
N VAL A 155 -22.86 4.62 -19.03
CA VAL A 155 -22.31 4.76 -17.69
C VAL A 155 -23.16 3.93 -16.72
N HIS A 156 -22.48 3.08 -15.94
CA HIS A 156 -23.14 2.25 -14.94
C HIS A 156 -22.66 2.48 -13.53
N LEU A 157 -21.55 3.17 -13.33
CA LEU A 157 -21.00 3.39 -11.99
C LEU A 157 -20.44 4.81 -11.91
N VAL A 158 -20.85 5.57 -10.90
CA VAL A 158 -20.41 6.96 -10.72
C VAL A 158 -19.75 7.10 -9.36
N LYS A 159 -18.50 7.55 -9.34
CA LYS A 159 -17.73 7.71 -8.10
C LYS A 159 -17.68 9.21 -7.75
N GLY A 160 -18.13 9.56 -6.54
CA GLY A 160 -18.06 10.95 -6.11
C GLY A 160 -16.75 11.23 -5.41
N PHE A 161 -16.03 12.26 -5.87
CA PHE A 161 -14.77 12.62 -5.23
C PHE A 161 -14.87 14.01 -4.61
N TYR A 162 -13.97 14.28 -3.66
CA TYR A 162 -13.90 15.59 -3.01
C TYR A 162 -12.62 16.32 -3.38
N ARG A 163 -12.74 17.62 -3.56
CA ARG A 163 -11.56 18.47 -3.62
C ARG A 163 -11.02 18.72 -2.22
N ARG A 164 -9.73 18.89 -2.13
CA ARG A 164 -9.22 19.15 -0.79
C ARG A 164 -8.90 20.63 -0.63
N PRO A 165 -8.95 21.14 0.60
CA PRO A 165 -8.60 22.56 0.82
C PRO A 165 -7.16 22.84 0.42
N LEU A 166 -6.94 24.02 -0.16
CA LEU A 166 -5.62 24.41 -0.64
C LEU A 166 -4.96 25.39 0.33
N GLY A 178 -6.64 10.28 1.00
CA GLY A 178 -6.18 9.72 2.27
C GLY A 178 -4.99 8.79 2.06
N ARG A 179 -4.40 8.34 3.18
CA ARG A 179 -3.17 7.55 3.10
C ARG A 179 -3.41 6.20 2.45
N VAL A 180 -4.52 5.52 2.78
CA VAL A 180 -4.78 4.23 2.13
C VAL A 180 -4.99 4.40 0.63
N THR A 181 -5.67 5.47 0.23
CA THR A 181 -5.89 5.66 -1.20
C THR A 181 -4.56 5.90 -1.94
N GLU A 182 -3.71 6.76 -1.40
CA GLU A 182 -2.52 7.15 -2.15
C GLU A 182 -1.35 6.20 -1.98
N LEU A 183 -1.28 5.45 -0.87
CA LEU A 183 -0.17 4.52 -0.68
C LEU A 183 -0.51 3.09 -1.02
N VAL A 184 -1.79 2.71 -0.98
CA VAL A 184 -2.22 1.32 -1.19
C VAL A 184 -3.05 1.19 -2.47
N ALA A 185 -4.21 1.82 -2.52
CA ALA A 185 -5.15 1.53 -3.60
C ALA A 185 -4.62 2.00 -4.95
N ARG A 186 -4.18 3.28 -5.04
CA ARG A 186 -3.76 3.77 -6.34
C ARG A 186 -2.47 3.07 -6.82
N PRO A 187 -1.46 2.85 -5.96
CA PRO A 187 -0.27 2.12 -6.46
C PRO A 187 -0.56 0.69 -6.86
N LEU A 188 -1.46 0.00 -6.14
CA LEU A 188 -1.82 -1.36 -6.53
C LEU A 188 -2.61 -1.37 -7.83
N LEU A 189 -3.47 -0.37 -8.03
CA LEU A 189 -4.14 -0.26 -9.32
C LEU A 189 -3.14 0.05 -10.44
N ALA A 190 -2.14 0.90 -10.16
CA ALA A 190 -1.11 1.16 -11.15
C ALA A 190 -0.45 -0.14 -11.59
N ALA A 191 -0.22 -1.06 -10.65
CA ALA A 191 0.44 -2.32 -10.97
C ALA A 191 -0.50 -3.27 -11.71
N LEU A 192 -1.76 -3.39 -11.28
CA LEU A 192 -2.65 -4.46 -11.70
C LEU A 192 -3.70 -4.04 -12.71
N ARG A 193 -4.21 -2.80 -12.63
CA ARG A 193 -5.27 -2.30 -13.50
C ARG A 193 -5.00 -0.83 -13.78
N PRO A 194 -3.92 -0.52 -14.51
CA PRO A 194 -3.42 0.86 -14.53
C PRO A 194 -4.43 1.87 -15.07
N GLU A 195 -5.34 1.47 -15.96
CA GLU A 195 -6.31 2.44 -16.46
C GLU A 195 -7.16 3.01 -15.32
N LEU A 196 -7.38 2.21 -14.27
CA LEU A 196 -8.22 2.66 -13.16
C LEU A 196 -7.55 3.70 -12.29
N THR A 197 -6.26 4.00 -12.52
CA THR A 197 -5.65 5.07 -11.73
C THR A 197 -6.23 6.43 -12.08
N CYS A 198 -7.03 6.52 -13.15
CA CYS A 198 -7.70 7.77 -13.47
C CYS A 198 -8.76 8.15 -12.44
N VAL A 199 -9.26 7.18 -11.68
CA VAL A 199 -10.31 7.44 -10.69
C VAL A 199 -9.66 8.10 -9.48
N LEU A 200 -10.11 9.31 -9.13
CA LEU A 200 -9.39 10.08 -8.11
C LEU A 200 -9.49 9.44 -6.73
N GLN A 201 -10.68 8.99 -6.35
CA GLN A 201 -10.92 8.45 -5.00
C GLN A 201 -11.63 7.10 -5.13
N PRO A 202 -10.87 6.06 -5.47
CA PRO A 202 -11.49 4.74 -5.73
C PRO A 202 -12.08 4.10 -4.47
N LEU A 203 -11.69 4.53 -3.28
CA LEU A 203 -12.23 4.00 -2.04
C LEU A 203 -13.38 4.81 -1.50
N GLY A 204 -13.83 5.85 -2.21
CA GLY A 204 -14.82 6.75 -1.65
C GLY A 204 -16.17 6.07 -1.43
N GLY A 205 -16.85 6.49 -0.37
CA GLY A 205 -18.10 5.85 -0.03
C GLY A 205 -19.34 6.46 -0.64
N GLU A 206 -19.20 7.53 -1.42
CA GLU A 206 -20.34 8.17 -2.06
C GLU A 206 -20.29 7.82 -3.54
N TYR A 207 -21.21 6.97 -3.98
CA TYR A 207 -21.21 6.54 -5.37
C TYR A 207 -22.58 5.98 -5.72
N ALA A 208 -22.81 5.77 -7.02
CA ALA A 208 -24.10 5.29 -7.48
C ALA A 208 -23.89 4.33 -8.64
N GLY A 209 -24.85 3.43 -8.81
CA GLY A 209 -24.74 2.45 -9.88
C GLY A 209 -26.11 2.03 -10.34
N THR A 210 -26.16 1.41 -11.51
CA THR A 210 -27.41 0.85 -12.01
C THR A 210 -27.72 -0.46 -11.30
N ARG A 211 -29.00 -0.77 -11.18
CA ARG A 211 -29.38 -2.09 -10.66
C ARG A 211 -28.84 -3.19 -11.55
N GLU A 212 -28.88 -2.99 -12.87
CA GLU A 212 -28.37 -4.00 -13.80
C GLU A 212 -26.94 -4.38 -13.51
N LEU A 213 -26.09 -3.39 -13.21
CA LEU A 213 -24.71 -3.68 -12.84
C LEU A 213 -24.63 -4.30 -11.44
N LEU A 214 -25.23 -3.65 -10.45
CA LEU A 214 -24.97 -4.01 -9.06
C LEU A 214 -25.51 -5.40 -8.72
N MET A 215 -26.63 -5.81 -9.33
CA MET A 215 -27.18 -7.14 -9.08
C MET A 215 -26.33 -8.25 -9.68
N SER A 216 -25.44 -7.93 -10.62
CA SER A 216 -24.75 -8.95 -11.40
CA SER A 216 -24.74 -8.93 -11.41
C SER A 216 -23.34 -9.23 -10.90
N VAL A 217 -22.87 -8.51 -9.89
CA VAL A 217 -21.49 -8.66 -9.45
C VAL A 217 -21.45 -9.15 -8.01
N PRO A 218 -20.43 -9.90 -7.62
CA PRO A 218 -20.28 -10.26 -6.20
C PRO A 218 -19.92 -9.03 -5.39
N PHE A 219 -20.19 -9.10 -4.09
CA PHE A 219 -19.86 -8.01 -3.17
C PHE A 219 -18.78 -8.48 -2.21
N ALA A 220 -17.67 -7.76 -2.17
CA ALA A 220 -16.62 -8.05 -1.21
C ALA A 220 -17.04 -7.59 0.19
N PRO A 221 -16.45 -8.18 1.23
CA PRO A 221 -16.83 -7.84 2.61
C PRO A 221 -16.11 -6.60 3.12
N GLY A 222 -16.72 -6.00 4.13
CA GLY A 222 -16.03 -5.00 4.95
C GLY A 222 -15.49 -3.84 4.14
N TYR A 223 -14.23 -3.51 4.41
CA TYR A 223 -13.56 -2.40 3.76
C TYR A 223 -13.26 -2.65 2.29
N GLY A 224 -13.51 -3.86 1.77
CA GLY A 224 -13.16 -4.14 0.40
C GLY A 224 -14.24 -3.86 -0.63
N VAL A 225 -15.45 -3.50 -0.17
CA VAL A 225 -16.58 -3.48 -1.10
C VAL A 225 -16.38 -2.45 -2.21
N GLU A 226 -15.85 -1.26 -1.90
CA GLU A 226 -15.73 -0.21 -2.92
C GLU A 226 -14.74 -0.61 -4.01
N ILE A 227 -13.55 -1.06 -3.62
CA ILE A 227 -12.53 -1.40 -4.62
C ILE A 227 -12.97 -2.63 -5.41
N GLY A 228 -13.69 -3.55 -4.77
CA GLY A 228 -14.19 -4.71 -5.48
C GLY A 228 -15.19 -4.35 -6.56
N LEU A 229 -16.13 -3.47 -6.23
CA LEU A 229 -17.10 -3.03 -7.22
C LEU A 229 -16.42 -2.32 -8.39
N LEU A 230 -15.40 -1.51 -8.09
CA LEU A 230 -14.72 -0.76 -9.15
C LEU A 230 -14.02 -1.69 -10.13
N VAL A 231 -13.26 -2.66 -9.60
CA VAL A 231 -12.54 -3.57 -10.49
C VAL A 231 -13.50 -4.50 -11.21
N ASP A 232 -14.56 -4.97 -10.53
CA ASP A 232 -15.52 -5.86 -11.20
C ASP A 232 -16.22 -5.14 -12.35
N THR A 233 -16.57 -3.87 -12.15
CA THR A 233 -17.15 -3.07 -13.22
C THR A 233 -16.17 -2.93 -14.38
N TYR A 234 -14.92 -2.56 -14.07
CA TYR A 234 -13.91 -2.37 -15.09
C TYR A 234 -13.65 -3.65 -15.88
N ASP A 235 -13.55 -4.78 -15.17
CA ASP A 235 -13.25 -6.03 -15.87
C ASP A 235 -14.37 -6.46 -16.80
N ARG A 236 -15.59 -6.02 -16.55
CA ARG A 236 -16.71 -6.37 -17.41
C ARG A 236 -16.98 -5.35 -18.49
N LEU A 237 -16.75 -4.06 -18.21
CA LEU A 237 -17.18 -2.98 -19.10
C LEU A 237 -16.12 -1.93 -19.40
N GLY A 238 -14.97 -1.99 -18.73
CA GLY A 238 -13.90 -1.06 -18.98
C GLY A 238 -14.18 0.35 -18.46
N LEU A 239 -13.31 1.27 -18.89
CA LEU A 239 -13.40 2.65 -18.43
C LEU A 239 -14.69 3.32 -18.86
N ASP A 240 -15.28 2.89 -19.99
CA ASP A 240 -16.43 3.60 -20.54
C ASP A 240 -17.61 3.62 -19.58
N ALA A 241 -17.74 2.59 -18.75
CA ALA A 241 -18.87 2.45 -17.84
C ALA A 241 -18.69 3.18 -16.53
N ILE A 242 -17.53 3.77 -16.28
CA ILE A 242 -17.23 4.36 -14.98
C ILE A 242 -17.10 5.88 -15.15
N ALA A 243 -17.75 6.63 -14.27
CA ALA A 243 -17.66 8.08 -14.28
C ALA A 243 -17.29 8.57 -12.89
N GLN A 244 -16.92 9.86 -12.79
CA GLN A 244 -16.66 10.48 -11.50
C GLN A 244 -17.12 11.92 -11.51
N VAL A 245 -17.58 12.39 -10.34
CA VAL A 245 -18.11 13.74 -10.18
C VAL A 245 -17.57 14.36 -8.91
N ASN A 246 -17.29 15.67 -8.98
CA ASN A 246 -16.79 16.44 -7.85
C ASN A 246 -17.95 16.82 -6.94
N LEU A 247 -17.95 16.31 -5.71
CA LEU A 247 -18.99 16.60 -4.74
C LEU A 247 -18.72 17.87 -3.94
N GLY A 248 -17.51 18.44 -4.03
CA GLY A 248 -17.20 19.67 -3.33
C GLY A 248 -15.96 19.51 -2.50
N VAL A 249 -15.64 20.55 -1.73
CA VAL A 249 -14.39 20.60 -0.97
C VAL A 249 -14.62 19.99 0.41
N ARG A 250 -13.79 19.03 0.78
CA ARG A 250 -13.85 18.40 2.09
C ARG A 250 -12.43 18.13 2.56
N ALA A 251 -12.15 18.45 3.83
CA ALA A 251 -10.83 18.15 4.39
C ALA A 251 -10.77 16.70 4.82
N HIS A 252 -9.57 16.12 4.75
CA HIS A 252 -9.36 14.77 5.23
C HIS A 252 -9.62 14.70 6.73
N ARG A 253 -10.22 13.59 7.17
CA ARG A 253 -10.41 13.32 8.59
C ARG A 253 -9.36 12.34 9.07
N ASN A 254 -9.00 12.45 10.34
CA ASN A 254 -7.94 11.63 10.92
C ASN A 254 -8.52 10.30 11.41
N ARG A 255 -7.96 9.20 10.91
CA ARG A 255 -8.34 7.87 11.36
C ARG A 255 -7.14 7.19 12.02
N PRO A 256 -7.35 6.41 13.07
CA PRO A 256 -6.21 5.77 13.75
C PRO A 256 -5.47 4.84 12.81
N LEU A 257 -4.15 4.77 12.98
CA LEU A 257 -3.34 3.98 12.08
C LEU A 257 -3.74 2.51 12.11
N THR A 258 -4.18 2.01 13.27
CA THR A 258 -4.67 0.63 13.36
C THR A 258 -5.84 0.41 12.41
N ASP A 259 -6.79 1.36 12.38
CA ASP A 259 -7.91 1.27 11.45
C ASP A 259 -7.42 1.30 10.00
N LEU A 260 -6.48 2.18 9.69
CA LEU A 260 -5.99 2.28 8.31
C LEU A 260 -5.30 0.99 7.88
N ALA A 261 -4.57 0.35 8.80
CA ALA A 261 -3.88 -0.88 8.45
C ALA A 261 -4.87 -2.00 8.16
N ALA A 262 -5.96 -2.07 8.94
CA ALA A 262 -6.97 -3.08 8.70
C ALA A 262 -7.69 -2.83 7.37
N MET A 263 -7.93 -1.56 7.07
CA MET A 263 -8.54 -1.20 5.79
C MET A 263 -7.62 -1.60 4.65
N SER A 264 -6.32 -1.30 4.77
N SER A 264 -6.33 -1.31 4.79
CA SER A 264 -5.37 -1.66 3.73
CA SER A 264 -5.35 -1.65 3.74
C SER A 264 -5.36 -3.17 3.51
C SER A 264 -5.32 -3.16 3.50
N ARG A 265 -5.30 -3.95 4.59
CA ARG A 265 -5.23 -5.40 4.43
C ARG A 265 -6.42 -5.94 3.64
N GLN A 266 -7.62 -5.38 3.87
CA GLN A 266 -8.80 -5.87 3.15
C GLN A 266 -8.85 -5.36 1.72
N VAL A 267 -8.40 -4.12 1.49
CA VAL A 267 -8.30 -3.61 0.12
C VAL A 267 -7.38 -4.51 -0.70
N ILE A 268 -6.24 -4.90 -0.12
CA ILE A 268 -5.32 -5.84 -0.75
C ILE A 268 -6.00 -7.17 -1.04
N ALA A 269 -6.68 -7.74 -0.02
CA ALA A 269 -7.31 -9.04 -0.22
C ALA A 269 -8.35 -8.98 -1.34
N THR A 270 -9.14 -7.92 -1.38
CA THR A 270 -10.19 -7.83 -2.40
C THR A 270 -9.60 -7.56 -3.79
N LEU A 271 -8.62 -6.66 -3.88
CA LEU A 271 -7.95 -6.43 -5.16
C LEU A 271 -7.30 -7.71 -5.67
N PHE A 272 -6.63 -8.45 -4.77
CA PHE A 272 -6.00 -9.70 -5.20
C PHE A 272 -7.04 -10.69 -5.71
N SER A 273 -8.16 -10.83 -5.01
N SER A 273 -8.18 -10.80 -5.04
CA SER A 273 -9.20 -11.75 -5.45
CA SER A 273 -9.21 -11.76 -5.44
C SER A 273 -9.65 -11.43 -6.88
C SER A 273 -9.80 -11.44 -6.81
N ARG A 274 -9.89 -10.15 -7.16
CA ARG A 274 -10.40 -9.77 -8.46
C ARG A 274 -9.33 -9.86 -9.55
N CYS A 275 -8.05 -9.82 -9.19
CA CYS A 275 -6.98 -9.76 -10.17
C CYS A 275 -6.20 -11.06 -10.29
N GLY A 276 -6.70 -12.16 -9.73
CA GLY A 276 -6.05 -13.43 -9.91
C GLY A 276 -4.80 -13.63 -9.10
N VAL A 277 -4.69 -12.95 -7.97
CA VAL A 277 -3.56 -13.10 -7.06
C VAL A 277 -4.07 -13.85 -5.83
N PRO A 278 -3.44 -14.96 -5.44
CA PRO A 278 -3.89 -15.65 -4.23
C PRO A 278 -3.57 -14.83 -2.99
N ASP A 279 -4.30 -15.10 -1.92
CA ASP A 279 -4.16 -14.37 -0.67
C ASP A 279 -4.14 -15.37 0.47
N SER A 280 -3.19 -15.18 1.40
CA SER A 280 -2.97 -16.11 2.49
C SER A 280 -4.20 -16.28 3.39
N GLY A 281 -5.06 -15.27 3.45
CA GLY A 281 -6.07 -15.22 4.48
C GLY A 281 -5.57 -14.77 5.83
N VAL A 282 -4.26 -14.55 5.97
CA VAL A 282 -3.68 -14.14 7.25
C VAL A 282 -3.90 -12.65 7.43
N GLY A 283 -4.51 -12.27 8.55
CA GLY A 283 -4.83 -10.88 8.83
C GLY A 283 -3.78 -10.21 9.70
N SER A 302 -11.58 -13.91 7.14
CA SER A 302 -12.56 -14.93 7.54
C SER A 302 -13.92 -14.68 6.92
N LEU A 303 -14.16 -13.45 6.47
CA LEU A 303 -15.40 -13.08 5.81
C LEU A 303 -15.32 -13.40 4.32
N VAL A 304 -16.42 -13.90 3.77
CA VAL A 304 -16.46 -14.35 2.40
C VAL A 304 -17.02 -13.26 1.50
N ASP A 305 -16.71 -13.35 0.21
CA ASP A 305 -17.43 -12.56 -0.78
C ASP A 305 -18.87 -13.07 -0.87
N ARG A 306 -19.80 -12.14 -1.08
CA ARG A 306 -21.19 -12.53 -1.32
C ARG A 306 -21.45 -12.66 -2.83
N PRO A 307 -22.26 -13.62 -3.23
CA PRO A 307 -22.51 -13.83 -4.67
C PRO A 307 -23.40 -12.73 -5.21
N PRO A 308 -23.44 -12.56 -6.54
CA PRO A 308 -24.37 -11.59 -7.13
C PRO A 308 -25.77 -11.76 -6.58
N MET A 309 -26.40 -10.63 -6.23
CA MET A 309 -27.75 -10.69 -5.69
C MET A 309 -28.74 -11.30 -6.68
N ASN A 310 -28.44 -11.27 -7.99
CA ASN A 310 -29.38 -11.90 -8.91
C ASN A 310 -29.40 -13.42 -8.79
N THR A 311 -28.52 -14.01 -7.97
CA THR A 311 -28.70 -15.43 -7.63
C THR A 311 -29.77 -15.65 -6.57
N LEU A 312 -30.24 -14.59 -5.91
CA LEU A 312 -31.24 -14.73 -4.85
C LEU A 312 -32.50 -13.91 -5.10
N ARG A 313 -32.41 -12.79 -5.80
CA ARG A 313 -33.56 -11.92 -6.03
C ARG A 313 -33.72 -11.44 -7.47
N GLY A 314 -32.69 -11.53 -8.30
CA GLY A 314 -32.79 -11.07 -9.67
C GLY A 314 -33.83 -11.78 -10.52
N ALA A 318 -33.18 -9.26 -16.68
CA ALA A 318 -32.10 -9.26 -17.68
C ALA A 318 -30.78 -8.86 -17.05
N ALA A 319 -29.77 -9.72 -17.16
CA ALA A 319 -28.49 -9.50 -16.52
C ALA A 319 -27.67 -8.48 -17.31
N LEU A 320 -26.49 -8.15 -16.76
CA LEU A 320 -25.61 -7.18 -17.40
C LEU A 320 -24.81 -7.87 -18.51
N GLU A 321 -24.79 -7.24 -19.68
CA GLU A 321 -24.00 -7.72 -20.80
C GLU A 321 -22.58 -7.19 -20.68
N HIS A 322 -21.61 -8.10 -20.58
CA HIS A 322 -20.21 -7.72 -20.52
C HIS A 322 -19.70 -7.36 -21.92
N HIS A 323 -18.57 -6.68 -21.97
CA HIS A 323 -17.86 -6.53 -23.23
C HIS A 323 -17.43 -7.90 -23.73
N HIS A 324 -17.53 -8.10 -25.05
CA HIS A 324 -17.10 -9.36 -25.66
C HIS A 324 -15.59 -9.41 -25.75
N HIS A 325 -15.02 -10.57 -25.41
CA HIS A 325 -13.59 -10.81 -25.62
C HIS A 325 -13.33 -11.69 -26.82
N HIS A 326 -14.37 -12.06 -27.55
CA HIS A 326 -14.25 -12.84 -28.77
C HIS A 326 -15.10 -12.17 -29.86
N HIS A 327 -14.92 -12.62 -31.09
CA HIS A 327 -15.52 -11.97 -32.23
C HIS A 327 -15.87 -13.02 -33.28
N THR B 10 0.22 -20.05 13.82
CA THR B 10 1.13 -19.24 13.02
C THR B 10 1.64 -18.06 13.85
N ASP B 11 0.82 -17.61 14.81
CA ASP B 11 1.34 -16.73 15.84
C ASP B 11 2.44 -17.42 16.63
N LEU B 12 2.35 -18.75 16.79
CA LEU B 12 3.42 -19.50 17.45
C LEU B 12 4.71 -19.43 16.64
N ALA B 13 4.61 -19.57 15.32
CA ALA B 13 5.78 -19.44 14.46
C ALA B 13 6.43 -18.07 14.65
N ARG B 14 5.62 -17.00 14.64
CA ARG B 14 6.15 -15.67 14.90
C ARG B 14 6.70 -15.56 16.31
N HIS B 15 5.99 -16.14 17.29
CA HIS B 15 6.44 -16.08 18.67
C HIS B 15 7.79 -16.79 18.83
N ARG B 16 7.91 -17.98 18.25
CA ARG B 16 9.16 -18.73 18.35
C ARG B 16 10.32 -17.96 17.75
N TRP B 17 10.11 -17.36 16.58
CA TRP B 17 11.17 -16.61 15.92
C TRP B 17 11.60 -15.41 16.76
N LEU B 18 10.65 -14.71 17.38
CA LEU B 18 11.01 -13.53 18.17
C LEU B 18 11.91 -13.92 19.34
N THR B 19 11.65 -15.07 19.96
CA THR B 19 12.41 -15.42 21.17
C THR B 19 13.84 -15.84 20.82
N ASP B 20 14.08 -16.33 19.60
CA ASP B 20 15.39 -16.80 19.19
C ASP B 20 16.13 -15.83 18.27
N ASN B 21 15.41 -15.04 17.47
CA ASN B 21 16.02 -14.27 16.39
C ASN B 21 15.77 -12.77 16.48
N SER B 22 15.20 -12.29 17.58
CA SER B 22 14.96 -10.86 17.75
C SER B 22 15.56 -10.41 19.08
N TRP B 23 16.25 -9.28 19.05
CA TRP B 23 16.89 -8.73 20.25
C TRP B 23 16.41 -7.31 20.45
N THR B 24 15.61 -7.10 21.49
CA THR B 24 15.19 -5.75 21.85
C THR B 24 16.26 -5.01 22.64
N ARG B 25 17.17 -5.74 23.30
CA ARG B 25 18.20 -5.13 24.15
C ARG B 25 19.51 -5.91 23.98
N PRO B 26 20.17 -5.74 22.84
CA PRO B 26 21.44 -6.45 22.62
C PRO B 26 22.47 -6.16 23.70
N THR B 27 23.03 -7.22 24.29
CA THR B 27 24.01 -7.06 25.36
C THR B 27 25.44 -6.94 24.87
N TRP B 28 25.70 -7.17 23.58
CA TRP B 28 27.07 -7.40 23.12
C TRP B 28 27.93 -6.16 23.23
N THR B 29 29.15 -6.35 23.71
CA THR B 29 30.19 -5.34 23.70
C THR B 29 31.04 -5.48 22.44
N VAL B 30 31.75 -4.39 22.11
CA VAL B 30 32.64 -4.43 20.95
C VAL B 30 33.76 -5.45 21.17
N ALA B 31 34.27 -5.54 22.41
CA ALA B 31 35.33 -6.50 22.70
C ALA B 31 34.87 -7.93 22.47
N GLU B 32 33.66 -8.24 22.94
CA GLU B 32 33.08 -9.57 22.74
C GLU B 32 32.95 -9.89 21.25
N LEU B 33 32.46 -8.92 20.47
CA LEU B 33 32.27 -9.16 19.04
C LEU B 33 33.61 -9.30 18.31
N GLU B 34 34.59 -8.48 18.67
CA GLU B 34 35.91 -8.63 18.05
C GLU B 34 36.47 -10.03 18.30
N ALA B 35 36.35 -10.53 19.54
CA ALA B 35 36.88 -11.84 19.85
C ALA B 35 36.19 -12.94 19.05
N ALA B 36 34.94 -12.72 18.66
CA ALA B 36 34.15 -13.72 17.96
C ALA B 36 34.32 -13.71 16.44
N LYS B 37 35.12 -12.79 15.89
CA LYS B 37 35.18 -12.67 14.42
C LYS B 37 35.77 -13.92 13.78
N ALA B 38 36.77 -14.53 14.43
CA ALA B 38 37.34 -15.81 14.03
C ALA B 38 37.77 -15.80 12.55
N GLY B 39 38.44 -14.74 12.14
CA GLY B 39 38.96 -14.63 10.80
C GLY B 39 38.03 -13.99 9.79
N ARG B 40 36.75 -13.86 10.12
CA ARG B 40 35.84 -13.13 9.25
C ARG B 40 36.16 -11.64 9.28
N THR B 41 35.94 -10.98 8.17
CA THR B 41 36.12 -9.54 8.06
C THR B 41 34.77 -8.87 7.86
N ILE B 42 34.71 -7.60 8.25
CA ILE B 42 33.47 -6.82 8.21
C ILE B 42 33.70 -5.57 7.38
N SER B 43 32.86 -5.36 6.37
CA SER B 43 32.84 -4.17 5.56
C SER B 43 31.59 -3.36 5.90
N VAL B 44 31.75 -2.06 6.08
CA VAL B 44 30.61 -1.16 6.29
C VAL B 44 30.49 -0.26 5.08
N VAL B 45 29.30 -0.22 4.49
CA VAL B 45 29.02 0.53 3.27
C VAL B 45 27.89 1.50 3.57
N LEU B 46 28.14 2.79 3.31
CA LEU B 46 27.09 3.80 3.40
C LEU B 46 26.78 4.30 2.00
N PRO B 47 25.59 4.04 1.45
CA PRO B 47 25.21 4.68 0.18
C PRO B 47 24.98 6.16 0.43
N ALA B 48 25.41 7.00 -0.52
CA ALA B 48 25.21 8.43 -0.32
C ALA B 48 24.93 9.14 -1.63
N LEU B 49 23.81 9.87 -1.67
CA LEU B 49 23.50 10.78 -2.77
C LEU B 49 23.14 12.12 -2.16
N ASN B 50 24.04 13.10 -2.29
CA ASN B 50 23.82 14.46 -1.81
C ASN B 50 23.44 14.51 -0.33
N GLU B 51 24.34 14.01 0.51
CA GLU B 51 24.14 13.98 1.96
C GLU B 51 25.21 14.76 2.70
N GLU B 52 25.59 15.93 2.18
CA GLU B 52 26.71 16.67 2.77
C GLU B 52 26.46 17.03 4.23
N GLU B 53 25.20 17.19 4.62
CA GLU B 53 24.93 17.64 5.99
C GLU B 53 25.07 16.54 7.03
N THR B 54 24.94 15.27 6.64
CA THR B 54 24.87 14.19 7.61
C THR B 54 25.92 13.10 7.44
N VAL B 55 26.52 12.95 6.25
CA VAL B 55 27.36 11.79 6.00
C VAL B 55 28.55 11.76 6.94
N GLY B 56 29.11 12.93 7.25
CA GLY B 56 30.26 12.98 8.15
C GLY B 56 29.90 12.53 9.55
N GLY B 57 28.74 12.95 10.04
CA GLY B 57 28.32 12.56 11.37
C GLY B 57 28.09 11.06 11.50
N VAL B 58 27.58 10.43 10.43
CA VAL B 58 27.40 8.97 10.44
C VAL B 58 28.76 8.28 10.41
N VAL B 59 29.64 8.70 9.49
CA VAL B 59 30.96 8.10 9.39
C VAL B 59 31.71 8.22 10.71
N GLU B 60 31.59 9.37 11.38
CA GLU B 60 32.31 9.58 12.63
C GLU B 60 31.89 8.59 13.72
N THR B 61 30.65 8.12 13.68
CA THR B 61 30.22 7.16 14.70
C THR B 61 30.75 5.75 14.44
N ILE B 62 31.20 5.46 13.22
CA ILE B 62 31.72 4.15 12.88
C ILE B 62 33.25 4.11 12.83
N ARG B 63 33.89 5.22 12.45
CA ARG B 63 35.35 5.28 12.30
C ARG B 63 36.14 4.74 13.50
N PRO B 64 35.73 4.93 14.76
CA PRO B 64 36.53 4.37 15.87
C PRO B 64 36.65 2.85 15.84
N LEU B 65 35.74 2.16 15.16
CA LEU B 65 35.81 0.72 15.01
C LEU B 65 36.77 0.27 13.92
N LEU B 66 37.21 1.19 13.05
CA LEU B 66 38.03 0.80 11.91
C LEU B 66 39.40 0.34 12.38
N GLY B 67 39.84 -0.82 11.90
CA GLY B 67 41.05 -1.46 12.39
C GLY B 67 40.82 -2.40 13.54
N GLY B 68 39.60 -2.49 14.05
CA GLY B 68 39.26 -3.45 15.09
C GLY B 68 38.11 -4.31 14.63
N LEU B 69 36.90 -4.02 15.14
CA LEU B 69 35.72 -4.73 14.66
C LEU B 69 35.51 -4.56 13.17
N VAL B 70 35.70 -3.34 12.65
CA VAL B 70 35.40 -3.01 11.26
C VAL B 70 36.70 -3.00 10.46
N ASP B 71 36.71 -3.70 9.32
CA ASP B 71 37.91 -3.82 8.52
C ASP B 71 37.97 -2.83 7.37
N GLU B 72 36.82 -2.36 6.87
CA GLU B 72 36.84 -1.24 5.95
C GLU B 72 35.54 -0.45 6.09
N LEU B 73 35.64 0.84 5.81
CA LEU B 73 34.55 1.79 5.96
C LEU B 73 34.47 2.58 4.66
N ILE B 74 33.39 2.40 3.92
CA ILE B 74 33.28 2.91 2.56
C ILE B 74 32.00 3.70 2.43
N VAL B 75 32.10 4.88 1.82
CA VAL B 75 30.92 5.60 1.35
C VAL B 75 30.84 5.39 -0.16
N LEU B 76 29.74 4.79 -0.61
CA LEU B 76 29.52 4.54 -2.03
C LEU B 76 28.75 5.73 -2.58
N ASP B 77 29.45 6.66 -3.20
CA ASP B 77 28.80 7.87 -3.68
C ASP B 77 28.00 7.57 -4.94
N SER B 78 26.75 8.03 -4.95
CA SER B 78 25.75 7.70 -5.94
C SER B 78 25.59 8.82 -6.97
N GLY B 79 26.62 9.64 -7.18
CA GLY B 79 26.56 10.73 -8.12
C GLY B 79 26.26 12.07 -7.48
N SER B 80 26.81 12.31 -6.29
CA SER B 80 26.55 13.56 -5.58
C SER B 80 27.13 14.77 -6.31
N THR B 81 26.45 15.90 -6.17
CA THR B 81 26.96 17.17 -6.68
C THR B 81 27.26 18.16 -5.56
N ASP B 82 27.07 17.77 -4.30
CA ASP B 82 27.38 18.62 -3.16
C ASP B 82 28.73 18.19 -2.56
N ASP B 83 28.97 18.52 -1.30
CA ASP B 83 30.22 18.22 -0.62
C ASP B 83 30.23 16.85 0.06
N THR B 84 29.38 15.92 -0.40
CA THR B 84 29.29 14.61 0.24
C THR B 84 30.64 13.91 0.29
N GLU B 85 31.33 13.84 -0.85
CA GLU B 85 32.57 13.08 -0.91
C GLU B 85 33.63 13.67 0.02
N ILE B 86 33.80 15.00 -0.01
CA ILE B 86 34.82 15.65 0.80
C ILE B 86 34.53 15.49 2.28
N ARG B 87 33.27 15.57 2.67
CA ARG B 87 32.95 15.46 4.10
C ARG B 87 33.05 14.02 4.58
N ALA B 88 32.80 13.03 3.71
CA ALA B 88 32.97 11.65 4.11
C ALA B 88 34.45 11.29 4.29
N MET B 89 35.32 11.83 3.44
CA MET B 89 36.75 11.58 3.59
C MET B 89 37.29 12.22 4.85
N ALA B 90 36.85 13.44 5.15
CA ALA B 90 37.29 14.12 6.37
C ALA B 90 36.95 13.32 7.61
N ALA B 91 35.81 12.63 7.61
CA ALA B 91 35.41 11.85 8.77
C ALA B 91 36.08 10.48 8.83
N GLY B 92 36.77 10.06 7.77
CA GLY B 92 37.57 8.85 7.80
C GLY B 92 37.12 7.70 6.93
N ALA B 93 36.20 7.93 5.99
CA ALA B 93 35.74 6.87 5.11
C ALA B 93 36.47 6.95 3.77
N ARG B 94 36.62 5.79 3.14
CA ARG B 94 37.05 5.74 1.75
C ARG B 94 35.83 5.96 0.85
N VAL B 95 35.93 6.88 -0.09
CA VAL B 95 34.80 7.21 -0.96
C VAL B 95 35.02 6.57 -2.32
N ILE B 96 34.03 5.80 -2.76
CA ILE B 96 34.08 5.02 -4.00
C ILE B 96 32.84 5.37 -4.83
N SER B 97 33.04 5.76 -6.08
CA SER B 97 31.93 6.08 -6.94
C SER B 97 31.31 4.80 -7.50
N ARG B 98 30.09 4.93 -8.03
CA ARG B 98 29.45 3.78 -8.67
C ARG B 98 30.29 3.26 -9.83
N GLU B 99 30.87 4.18 -10.61
CA GLU B 99 31.69 3.79 -11.75
C GLU B 99 32.90 2.99 -11.31
N VAL B 100 33.60 3.45 -10.28
CA VAL B 100 34.79 2.75 -9.81
C VAL B 100 34.41 1.36 -9.28
N ALA B 101 33.26 1.24 -8.63
CA ALA B 101 32.88 -0.01 -8.00
C ALA B 101 32.69 -1.12 -9.02
N LEU B 102 32.17 -0.80 -10.19
CA LEU B 102 31.84 -1.78 -11.22
C LEU B 102 31.97 -1.13 -12.58
N PRO B 103 33.20 -0.98 -13.09
CA PRO B 103 33.43 -0.04 -14.21
C PRO B 103 32.77 -0.42 -15.52
N GLU B 104 32.62 -1.70 -15.82
CA GLU B 104 32.16 -2.05 -17.16
C GLU B 104 30.64 -2.16 -17.27
N VAL B 105 29.90 -1.84 -16.22
CA VAL B 105 28.43 -1.87 -16.21
C VAL B 105 27.96 -0.42 -16.07
N ALA B 106 27.16 0.03 -17.02
CA ALA B 106 26.65 1.40 -16.95
C ALA B 106 25.76 1.54 -15.72
N PRO B 107 25.88 2.63 -14.97
CA PRO B 107 25.04 2.78 -13.77
C PRO B 107 23.61 3.13 -14.14
N GLN B 108 22.68 2.71 -13.28
CA GLN B 108 21.31 3.17 -13.35
C GLN B 108 20.94 3.78 -12.01
N PRO B 109 19.92 4.63 -11.96
CA PRO B 109 19.62 5.37 -10.73
C PRO B 109 19.08 4.47 -9.64
N GLY B 110 19.15 4.97 -8.40
CA GLY B 110 18.52 4.29 -7.29
C GLY B 110 19.44 3.69 -6.25
N LYS B 111 18.90 3.48 -5.04
CA LYS B 111 19.70 2.98 -3.93
C LYS B 111 20.12 1.53 -4.16
N GLY B 112 19.22 0.72 -4.73
CA GLY B 112 19.55 -0.69 -4.95
C GLY B 112 20.83 -0.85 -5.76
N GLU B 113 21.01 0.00 -6.79
CA GLU B 113 22.21 -0.03 -7.61
C GLU B 113 23.46 0.16 -6.77
N VAL B 114 23.40 1.09 -5.81
CA VAL B 114 24.56 1.43 -5.00
C VAL B 114 24.96 0.26 -4.12
N LEU B 115 23.98 -0.36 -3.45
CA LEU B 115 24.30 -1.47 -2.56
C LEU B 115 24.83 -2.65 -3.33
N TRP B 116 24.22 -2.93 -4.49
CA TRP B 116 24.70 -4.03 -5.33
C TRP B 116 26.14 -3.81 -5.76
N ARG B 117 26.44 -2.61 -6.30
CA ARG B 117 27.80 -2.31 -6.77
C ARG B 117 28.82 -2.43 -5.67
N SER B 118 28.46 -2.07 -4.43
CA SER B 118 29.41 -2.14 -3.33
C SER B 118 29.93 -3.55 -3.10
N LEU B 119 29.18 -4.57 -3.51
CA LEU B 119 29.65 -5.95 -3.36
C LEU B 119 30.91 -6.20 -4.17
N ALA B 120 31.10 -5.49 -5.28
CA ALA B 120 32.31 -5.67 -6.09
C ALA B 120 33.47 -4.82 -5.59
N ALA B 121 33.23 -3.91 -4.65
CA ALA B 121 34.26 -3.01 -4.14
C ALA B 121 34.62 -3.30 -2.69
N THR B 122 34.11 -4.39 -2.13
CA THR B 122 34.37 -4.75 -0.73
C THR B 122 34.97 -6.15 -0.64
N THR B 123 35.56 -6.44 0.51
CA THR B 123 36.14 -7.76 0.74
C THR B 123 35.55 -8.48 1.94
N GLY B 124 34.60 -7.86 2.66
CA GLY B 124 34.16 -8.43 3.92
C GLY B 124 33.36 -9.71 3.74
N ASP B 125 33.52 -10.61 4.71
CA ASP B 125 32.65 -11.77 4.83
C ASP B 125 31.28 -11.37 5.34
N ILE B 126 31.20 -10.23 6.01
CA ILE B 126 29.97 -9.58 6.44
C ILE B 126 29.97 -8.19 5.85
N ILE B 127 28.82 -7.77 5.32
CA ILE B 127 28.66 -6.42 4.79
C ILE B 127 27.54 -5.74 5.56
N VAL B 128 27.80 -4.54 6.07
CA VAL B 128 26.83 -3.79 6.86
C VAL B 128 26.46 -2.54 6.08
N PHE B 129 25.17 -2.34 5.87
CA PHE B 129 24.65 -1.17 5.17
C PHE B 129 24.03 -0.22 6.19
N ILE B 130 24.42 1.05 6.13
N ILE B 130 24.38 1.06 6.11
CA ILE B 130 23.89 2.10 7.01
CA ILE B 130 23.84 2.08 7.01
C ILE B 130 23.57 3.31 6.14
C ILE B 130 23.59 3.33 6.19
N ASP B 131 22.37 3.87 6.28
CA ASP B 131 22.02 5.06 5.49
C ASP B 131 22.85 6.26 5.91
N SER B 132 23.25 7.08 4.93
CA SER B 132 24.07 8.26 5.18
C SER B 132 23.26 9.49 5.53
N ASP B 133 21.93 9.41 5.50
CA ASP B 133 21.09 10.54 5.83
C ASP B 133 20.61 10.53 7.28
N LEU B 134 21.16 9.66 8.12
CA LEU B 134 20.73 9.57 9.51
C LEU B 134 21.14 10.80 10.30
N ILE B 135 20.19 11.35 11.05
CA ILE B 135 20.44 12.57 11.82
C ILE B 135 21.13 12.26 13.14
N ASP B 136 20.72 11.20 13.82
CA ASP B 136 21.25 10.85 15.14
C ASP B 136 21.83 9.44 15.10
N PRO B 137 22.95 9.25 14.41
CA PRO B 137 23.59 7.93 14.40
C PRO B 137 24.21 7.61 15.75
N ASP B 138 24.14 6.34 16.12
CA ASP B 138 24.74 5.89 17.37
C ASP B 138 25.91 4.94 17.10
N PRO B 139 27.01 5.07 17.84
CA PRO B 139 28.20 4.24 17.56
C PRO B 139 27.98 2.74 17.74
N MET B 140 26.93 2.31 18.42
CA MET B 140 26.68 0.87 18.56
C MET B 140 25.82 0.29 17.44
N PHE B 141 25.52 1.05 16.38
CA PHE B 141 24.74 0.50 15.27
C PHE B 141 25.43 -0.74 14.68
N VAL B 142 26.68 -0.59 14.26
CA VAL B 142 27.37 -1.70 13.60
C VAL B 142 27.56 -2.89 14.54
N PRO B 143 28.01 -2.70 15.79
CA PRO B 143 28.06 -3.83 16.72
C PRO B 143 26.73 -4.57 16.86
N LYS B 144 25.63 -3.83 17.00
CA LYS B 144 24.33 -4.49 17.17
C LYS B 144 23.93 -5.26 15.91
N LEU B 145 24.27 -4.73 14.73
CA LEU B 145 23.89 -5.38 13.48
C LEU B 145 24.67 -6.65 13.24
N VAL B 146 25.94 -6.70 13.65
CA VAL B 146 26.74 -7.88 13.36
C VAL B 146 26.69 -8.91 14.47
N GLY B 147 26.13 -8.57 15.64
CA GLY B 147 26.01 -9.50 16.74
C GLY B 147 25.48 -10.87 16.38
N PRO B 148 24.30 -10.94 15.74
CA PRO B 148 23.73 -12.27 15.44
C PRO B 148 24.51 -13.01 14.38
N LEU B 149 25.19 -12.29 13.49
CA LEU B 149 25.99 -12.95 12.47
C LEU B 149 27.23 -13.59 13.08
N LEU B 150 27.79 -12.96 14.11
CA LEU B 150 29.02 -13.45 14.72
C LEU B 150 28.77 -14.46 15.82
N LEU B 151 27.65 -14.32 16.55
CA LEU B 151 27.46 -15.08 17.77
C LEU B 151 26.38 -16.14 17.68
N SER B 152 25.42 -16.00 16.78
CA SER B 152 24.45 -17.07 16.56
C SER B 152 24.96 -17.99 15.45
N GLU B 153 24.30 -19.13 15.31
CA GLU B 153 24.53 -20.01 14.18
C GLU B 153 23.40 -19.83 13.17
N GLY B 154 23.77 -19.84 11.88
CA GLY B 154 22.79 -19.92 10.83
C GLY B 154 22.11 -18.62 10.44
N VAL B 155 22.53 -17.49 10.98
CA VAL B 155 21.93 -16.21 10.63
C VAL B 155 22.71 -15.60 9.48
N HIS B 156 22.00 -15.08 8.47
CA HIS B 156 22.63 -14.48 7.31
C HIS B 156 22.20 -13.05 7.03
N LEU B 157 21.11 -12.58 7.63
CA LEU B 157 20.61 -11.23 7.39
C LEU B 157 20.10 -10.68 8.71
N VAL B 158 20.59 -9.52 9.12
CA VAL B 158 20.14 -8.89 10.36
C VAL B 158 19.54 -7.53 10.03
N LYS B 159 18.29 -7.31 10.45
CA LYS B 159 17.55 -6.09 10.16
C LYS B 159 17.53 -5.24 11.42
N GLY B 160 18.04 -4.01 11.31
CA GLY B 160 18.03 -3.09 12.45
C GLY B 160 16.71 -2.35 12.49
N PHE B 161 16.03 -2.42 13.63
CA PHE B 161 14.79 -1.69 13.81
C PHE B 161 14.96 -0.66 14.90
N TYR B 162 14.07 0.34 14.90
CA TYR B 162 14.05 1.36 15.92
C TYR B 162 12.77 1.23 16.74
N ARG B 163 12.91 1.19 18.05
CA ARG B 163 11.74 1.27 18.91
C ARG B 163 11.12 2.65 18.75
N ARG B 164 9.80 2.70 18.76
CA ARG B 164 9.21 4.00 18.53
C ARG B 164 8.68 4.58 19.83
N PRO B 165 8.84 5.90 20.05
CA PRO B 165 8.35 6.56 21.26
C PRO B 165 6.83 6.71 21.25
N GLY B 178 6.58 3.57 10.15
CA GLY B 178 6.16 4.53 9.14
C GLY B 178 4.95 4.07 8.36
N ARG B 179 4.32 4.99 7.63
CA ARG B 179 3.07 4.66 6.95
C ARG B 179 3.27 3.63 5.85
N VAL B 180 4.39 3.69 5.13
CA VAL B 180 4.60 2.70 4.07
C VAL B 180 4.81 1.32 4.66
N THR B 181 5.49 1.24 5.81
CA THR B 181 5.70 -0.06 6.45
C THR B 181 4.39 -0.66 6.93
N GLU B 182 3.56 0.15 7.61
CA GLU B 182 2.38 -0.39 8.26
C GLU B 182 1.20 -0.54 7.31
N LEU B 183 1.11 0.31 6.28
CA LEU B 183 0.01 0.22 5.33
C LEU B 183 0.35 -0.57 4.08
N VAL B 184 1.63 -0.71 3.73
CA VAL B 184 1.98 -1.33 2.46
C VAL B 184 2.79 -2.60 2.71
N ALA B 185 3.97 -2.47 3.30
CA ALA B 185 4.87 -3.62 3.36
C ALA B 185 4.31 -4.73 4.24
N ARG B 186 3.83 -4.39 5.45
CA ARG B 186 3.43 -5.49 6.32
C ARG B 186 2.14 -6.15 5.82
N PRO B 187 1.14 -5.39 5.37
CA PRO B 187 -0.06 -6.06 4.83
C PRO B 187 0.21 -6.87 3.57
N LEU B 188 1.10 -6.40 2.69
CA LEU B 188 1.41 -7.21 1.51
C LEU B 188 2.14 -8.49 1.90
N LEU B 189 3.05 -8.41 2.87
CA LEU B 189 3.70 -9.64 3.33
C LEU B 189 2.69 -10.57 3.98
N ALA B 190 1.74 -10.02 4.73
CA ALA B 190 0.70 -10.87 5.31
C ALA B 190 -0.01 -11.66 4.22
N ALA B 191 -0.25 -11.02 3.07
CA ALA B 191 -0.96 -11.66 1.96
C ALA B 191 -0.10 -12.67 1.20
N LEU B 192 1.19 -12.40 1.03
CA LEU B 192 2.00 -13.15 0.07
C LEU B 192 3.20 -13.88 0.66
N ARG B 193 3.68 -13.49 1.84
CA ARG B 193 4.76 -14.18 2.54
C ARG B 193 4.47 -14.13 4.02
N PRO B 194 3.40 -14.78 4.48
CA PRO B 194 2.82 -14.44 5.80
C PRO B 194 3.77 -14.58 6.98
N GLU B 195 4.75 -15.49 6.93
CA GLU B 195 5.67 -15.62 8.06
C GLU B 195 6.49 -14.35 8.27
N LEU B 196 6.74 -13.59 7.21
CA LEU B 196 7.62 -12.43 7.29
C LEU B 196 6.98 -11.24 7.99
N THR B 197 5.70 -11.30 8.40
CA THR B 197 5.17 -10.18 9.16
C THR B 197 5.80 -10.07 10.53
N CYS B 198 6.58 -11.07 10.96
CA CYS B 198 7.32 -10.97 12.21
C CYS B 198 8.42 -9.91 12.17
N VAL B 199 8.89 -9.55 10.98
CA VAL B 199 9.94 -8.54 10.86
C VAL B 199 9.31 -7.17 11.11
N LEU B 200 9.81 -6.47 12.13
CA LEU B 200 9.15 -5.23 12.56
C LEU B 200 9.29 -4.14 11.50
N GLN B 201 10.48 -3.94 10.96
CA GLN B 201 10.73 -2.85 10.00
C GLN B 201 11.39 -3.42 8.75
N PRO B 202 10.61 -4.10 7.90
CA PRO B 202 11.19 -4.76 6.73
C PRO B 202 11.84 -3.82 5.72
N LEU B 203 11.48 -2.55 5.70
CA LEU B 203 12.04 -1.60 4.75
C LEU B 203 13.24 -0.84 5.30
N GLY B 204 13.70 -1.17 6.52
CA GLY B 204 14.71 -0.36 7.16
C GLY B 204 16.03 -0.42 6.40
N GLY B 205 16.75 0.71 6.39
CA GLY B 205 17.97 0.81 5.64
C GLY B 205 19.23 0.40 6.37
N GLU B 206 19.12 0.02 7.65
CA GLU B 206 20.28 -0.42 8.43
C GLU B 206 20.17 -1.93 8.59
N TYR B 207 21.10 -2.66 7.98
CA TYR B 207 21.06 -4.11 8.05
C TYR B 207 22.41 -4.66 7.63
N ALA B 208 22.63 -5.92 7.98
CA ALA B 208 23.88 -6.58 7.67
C ALA B 208 23.63 -7.97 7.10
N GLY B 209 24.50 -8.41 6.20
CA GLY B 209 24.34 -9.72 5.61
C GLY B 209 25.68 -10.39 5.40
N THR B 210 25.64 -11.72 5.29
CA THR B 210 26.82 -12.47 4.91
C THR B 210 27.15 -12.28 3.43
N ARG B 211 28.44 -12.39 3.13
CA ARG B 211 28.89 -12.41 1.74
C ARG B 211 28.21 -13.54 0.97
N GLU B 212 28.07 -14.71 1.62
CA GLU B 212 27.48 -15.87 0.97
C GLU B 212 26.07 -15.58 0.48
N LEU B 213 25.26 -14.92 1.31
CA LEU B 213 23.93 -14.51 0.88
C LEU B 213 24.02 -13.41 -0.19
N LEU B 214 24.71 -12.32 0.12
CA LEU B 214 24.53 -11.11 -0.68
C LEU B 214 25.10 -11.26 -2.09
N MET B 215 26.17 -12.04 -2.24
CA MET B 215 26.80 -12.24 -3.54
C MET B 215 25.96 -13.11 -4.46
N SER B 216 24.95 -13.81 -3.91
CA SER B 216 24.26 -14.88 -4.63
C SER B 216 22.83 -14.55 -5.01
N VAL B 217 22.33 -13.36 -4.66
CA VAL B 217 20.94 -13.00 -4.94
C VAL B 217 20.88 -11.79 -5.87
N PRO B 218 19.86 -11.68 -6.71
CA PRO B 218 19.67 -10.45 -7.50
C PRO B 218 19.35 -9.30 -6.56
N PHE B 219 19.62 -8.08 -7.02
CA PHE B 219 19.32 -6.87 -6.26
C PHE B 219 18.23 -6.10 -6.99
N ALA B 220 17.14 -5.83 -6.29
CA ALA B 220 16.08 -5.01 -6.83
C ALA B 220 16.52 -3.55 -6.92
N PRO B 221 15.93 -2.76 -7.81
CA PRO B 221 16.34 -1.37 -7.99
C PRO B 221 15.66 -0.42 -7.00
N GLY B 222 16.31 0.72 -6.82
CA GLY B 222 15.70 1.86 -6.11
C GLY B 222 15.23 1.50 -4.72
N TYR B 223 13.99 1.91 -4.43
CA TYR B 223 13.38 1.69 -3.12
C TYR B 223 12.97 0.25 -2.88
N GLY B 224 13.09 -0.62 -3.88
CA GLY B 224 12.73 -2.00 -3.65
C GLY B 224 13.83 -2.88 -3.06
N VAL B 225 15.04 -2.37 -2.87
CA VAL B 225 16.16 -3.28 -2.61
C VAL B 225 16.01 -3.98 -1.26
N GLU B 226 15.52 -3.28 -0.23
CA GLU B 226 15.39 -3.91 1.09
C GLU B 226 14.40 -5.04 1.09
N ILE B 227 13.21 -4.82 0.53
CA ILE B 227 12.19 -5.86 0.60
C ILE B 227 12.57 -7.02 -0.31
N GLY B 228 13.23 -6.73 -1.43
CA GLY B 228 13.72 -7.80 -2.29
C GLY B 228 14.69 -8.70 -1.58
N LEU B 229 15.65 -8.11 -0.85
CA LEU B 229 16.64 -8.93 -0.15
C LEU B 229 15.99 -9.73 0.97
N LEU B 230 15.01 -9.14 1.65
CA LEU B 230 14.33 -9.85 2.73
C LEU B 230 13.61 -11.07 2.19
N VAL B 231 12.86 -10.89 1.11
CA VAL B 231 12.07 -11.98 0.54
C VAL B 231 12.98 -13.05 -0.06
N ASP B 232 14.03 -12.63 -0.78
CA ASP B 232 14.94 -13.62 -1.37
C ASP B 232 15.66 -14.41 -0.28
N THR B 233 16.07 -13.74 0.80
CA THR B 233 16.70 -14.46 1.91
C THR B 233 15.72 -15.46 2.53
N TYR B 234 14.48 -15.03 2.75
CA TYR B 234 13.47 -15.92 3.31
C TYR B 234 13.28 -17.16 2.46
N ASP B 235 13.08 -16.97 1.15
CA ASP B 235 12.86 -18.12 0.26
C ASP B 235 14.09 -19.03 0.24
N ARG B 236 15.28 -18.44 0.05
CA ARG B 236 16.47 -19.24 -0.22
C ARG B 236 17.05 -19.88 1.06
N LEU B 237 17.05 -19.14 2.17
CA LEU B 237 17.72 -19.59 3.38
C LEU B 237 16.80 -19.79 4.58
N GLY B 238 15.60 -19.23 4.57
CA GLY B 238 14.61 -19.51 5.59
C GLY B 238 14.50 -18.44 6.65
N LEU B 239 13.41 -18.57 7.42
CA LEU B 239 13.11 -17.61 8.47
C LEU B 239 14.22 -17.53 9.50
N ASP B 240 14.79 -18.69 9.87
CA ASP B 240 15.80 -18.69 10.94
C ASP B 240 17.11 -18.06 10.50
N ALA B 241 17.29 -17.82 9.20
CA ALA B 241 18.47 -17.11 8.70
C ALA B 241 18.32 -15.60 8.80
N ILE B 242 17.16 -15.12 9.23
CA ILE B 242 16.89 -13.70 9.35
C ILE B 242 16.80 -13.38 10.83
N ALA B 243 17.40 -12.26 11.23
CA ALA B 243 17.29 -11.79 12.61
C ALA B 243 17.00 -10.29 12.62
N GLN B 244 16.61 -9.77 13.77
CA GLN B 244 16.41 -8.33 13.88
C GLN B 244 16.91 -7.85 15.24
N VAL B 245 17.38 -6.60 15.27
CA VAL B 245 17.98 -6.03 16.48
CA VAL B 245 17.97 -6.04 16.48
C VAL B 245 17.52 -4.59 16.63
N ASN B 246 17.20 -4.19 17.86
CA ASN B 246 16.79 -2.83 18.17
C ASN B 246 18.01 -1.92 18.25
N LEU B 247 18.04 -0.88 17.41
CA LEU B 247 19.18 0.03 17.40
C LEU B 247 18.98 1.24 18.30
N GLY B 248 17.80 1.41 18.88
CA GLY B 248 17.52 2.51 19.77
C GLY B 248 16.19 3.16 19.44
N VAL B 249 15.83 4.15 20.24
CA VAL B 249 14.58 4.88 20.03
C VAL B 249 14.82 6.00 19.05
N ARG B 250 14.06 6.01 17.95
CA ARG B 250 14.12 7.06 16.95
C ARG B 250 12.71 7.36 16.48
N ALA B 251 12.42 8.65 16.25
CA ALA B 251 11.11 9.06 15.80
C ALA B 251 11.01 8.96 14.29
N HIS B 252 9.77 8.81 13.80
CA HIS B 252 9.51 8.78 12.36
C HIS B 252 9.77 10.16 11.77
N ARG B 253 10.63 10.23 10.76
CA ARG B 253 10.82 11.48 10.03
C ARG B 253 9.69 11.65 9.03
N ASN B 254 9.06 12.82 9.05
CA ASN B 254 7.89 13.07 8.21
C ASN B 254 8.34 13.32 6.77
N ARG B 255 8.09 12.36 5.88
CA ARG B 255 8.39 12.53 4.47
C ARG B 255 7.14 12.98 3.72
N PRO B 256 7.29 13.73 2.63
CA PRO B 256 6.10 14.14 1.85
C PRO B 256 5.38 12.92 1.28
N LEU B 257 4.04 13.01 1.24
CA LEU B 257 3.26 11.88 0.78
C LEU B 257 3.58 11.49 -0.66
N THR B 258 4.03 12.46 -1.47
CA THR B 258 4.43 12.14 -2.84
C THR B 258 5.65 11.20 -2.84
N ASP B 259 6.60 11.43 -1.94
CA ASP B 259 7.74 10.52 -1.84
C ASP B 259 7.30 9.15 -1.34
N LEU B 260 6.40 9.12 -0.35
CA LEU B 260 5.92 7.86 0.18
C LEU B 260 5.17 7.07 -0.88
N ALA B 261 4.40 7.76 -1.72
CA ALA B 261 3.67 7.05 -2.76
C ALA B 261 4.60 6.40 -3.77
N ALA B 262 5.65 7.12 -4.18
CA ALA B 262 6.62 6.54 -5.11
C ALA B 262 7.35 5.36 -4.46
N MET B 263 7.71 5.50 -3.19
CA MET B 263 8.32 4.38 -2.47
C MET B 263 7.38 3.17 -2.43
N SER B 264 6.11 3.41 -2.09
N SER B 264 6.10 3.42 -2.10
CA SER B 264 5.14 2.31 -2.05
CA SER B 264 5.13 2.33 -2.05
C SER B 264 5.06 1.61 -3.40
C SER B 264 5.01 1.62 -3.39
N ARG B 265 4.98 2.39 -4.48
CA ARG B 265 4.83 1.81 -5.81
C ARG B 265 6.00 0.88 -6.14
N GLN B 266 7.22 1.26 -5.76
CA GLN B 266 8.38 0.41 -6.03
C GLN B 266 8.44 -0.80 -5.09
N VAL B 267 8.04 -0.63 -3.82
CA VAL B 267 7.96 -1.79 -2.94
C VAL B 267 7.01 -2.83 -3.53
N ILE B 268 5.87 -2.36 -4.04
CA ILE B 268 4.89 -3.24 -4.68
C ILE B 268 5.49 -3.93 -5.89
N ALA B 269 6.17 -3.17 -6.76
CA ALA B 269 6.74 -3.78 -7.97
C ALA B 269 7.77 -4.85 -7.60
N THR B 270 8.57 -4.59 -6.58
CA THR B 270 9.60 -5.57 -6.23
C THR B 270 8.99 -6.81 -5.60
N LEU B 271 8.01 -6.65 -4.70
CA LEU B 271 7.33 -7.82 -4.15
C LEU B 271 6.61 -8.61 -5.24
N PHE B 272 5.95 -7.91 -6.18
CA PHE B 272 5.29 -8.60 -7.29
C PHE B 272 6.30 -9.35 -8.15
N SER B 273 7.47 -8.75 -8.37
CA SER B 273 8.52 -9.43 -9.13
C SER B 273 8.92 -10.73 -8.47
N ARG B 274 9.07 -10.72 -7.15
CA ARG B 274 9.50 -11.91 -6.42
C ARG B 274 8.39 -12.95 -6.29
N CYS B 275 7.14 -12.56 -6.52
CA CYS B 275 6.02 -13.49 -6.49
C CYS B 275 5.54 -13.92 -7.87
N GLY B 276 6.07 -13.34 -8.93
CA GLY B 276 5.54 -13.64 -10.24
C GLY B 276 4.20 -13.03 -10.55
N VAL B 277 3.80 -11.98 -9.83
CA VAL B 277 2.60 -11.22 -10.17
C VAL B 277 2.92 -10.28 -11.33
N PRO B 278 2.17 -10.33 -12.42
CA PRO B 278 2.45 -9.41 -13.54
C PRO B 278 2.20 -7.98 -13.10
N ASP B 279 3.27 -7.19 -13.12
CA ASP B 279 3.22 -5.78 -12.75
C ASP B 279 3.36 -4.97 -14.02
N SER B 280 2.44 -4.02 -14.22
CA SER B 280 2.41 -3.26 -15.47
C SER B 280 3.67 -2.45 -15.71
N GLY B 281 4.44 -2.16 -14.67
CA GLY B 281 5.51 -1.18 -14.78
C GLY B 281 5.06 0.26 -14.88
N VAL B 282 3.77 0.54 -14.72
CA VAL B 282 3.25 1.88 -14.86
C VAL B 282 3.43 2.62 -13.55
N GLY B 283 4.05 3.80 -13.60
CA GLY B 283 4.29 4.59 -12.42
C GLY B 283 3.05 5.34 -11.97
N LEU B 284 3.24 6.19 -10.96
CA LEU B 284 2.21 7.09 -10.49
C LEU B 284 2.40 8.46 -11.13
N THR B 285 1.30 9.07 -11.53
CA THR B 285 1.35 10.35 -12.24
C THR B 285 1.27 11.53 -11.27
N SER B 299 5.83 8.49 -11.36
CA SER B 299 6.93 7.97 -10.54
C SER B 299 7.78 6.96 -11.32
N GLU B 300 9.07 6.91 -11.00
CA GLU B 300 9.97 5.95 -11.61
C GLU B 300 9.81 4.60 -10.90
N VAL B 301 9.44 3.59 -11.66
CA VAL B 301 9.32 2.23 -11.15
C VAL B 301 10.01 1.29 -12.13
N SER B 302 10.76 0.32 -11.61
CA SER B 302 11.48 -0.63 -12.45
C SER B 302 11.20 -2.05 -11.97
N LEU B 303 11.02 -2.96 -12.92
CA LEU B 303 10.87 -4.37 -12.63
C LEU B 303 12.15 -5.15 -12.92
N VAL B 304 13.23 -4.46 -13.24
CA VAL B 304 14.46 -5.08 -13.75
C VAL B 304 15.49 -5.13 -12.63
N ASP B 305 15.79 -6.34 -12.19
CA ASP B 305 16.80 -6.54 -11.16
C ASP B 305 18.20 -6.47 -11.76
N ARG B 306 19.18 -6.23 -10.90
CA ARG B 306 20.54 -6.60 -11.25
C ARG B 306 20.78 -8.06 -10.87
N PRO B 307 21.59 -8.77 -11.64
CA PRO B 307 21.82 -10.20 -11.39
C PRO B 307 22.75 -10.41 -10.21
N PRO B 308 22.80 -11.63 -9.66
CA PRO B 308 23.71 -11.88 -8.54
C PRO B 308 25.12 -11.48 -8.91
N MET B 309 25.79 -10.81 -7.97
CA MET B 309 27.11 -10.30 -8.27
C MET B 309 28.10 -11.41 -8.56
N ASN B 310 27.85 -12.63 -8.04
CA ASN B 310 28.79 -13.71 -8.35
C ASN B 310 28.77 -14.09 -9.83
N THR B 311 27.78 -13.63 -10.60
CA THR B 311 27.82 -13.90 -12.05
C THR B 311 28.78 -12.98 -12.78
N LEU B 312 29.01 -11.76 -12.27
CA LEU B 312 29.91 -10.81 -12.92
C LEU B 312 31.28 -10.77 -12.27
N ARG B 313 31.38 -11.23 -11.03
CA ARG B 313 32.64 -11.25 -10.27
C ARG B 313 32.84 -12.65 -9.69
N GLY B 314 32.89 -13.63 -10.60
CA GLY B 314 32.93 -15.02 -10.17
C GLY B 314 34.19 -15.37 -9.39
N LYS B 315 35.33 -14.80 -9.81
CA LYS B 315 36.59 -15.11 -9.13
C LYS B 315 36.67 -14.42 -7.76
N LEU B 316 36.20 -13.17 -7.66
CA LEU B 316 36.10 -12.54 -6.35
C LEU B 316 35.19 -13.35 -5.44
N ALA B 317 34.03 -13.79 -5.97
CA ALA B 317 33.08 -14.54 -5.15
C ALA B 317 33.67 -15.87 -4.70
N ALA B 318 34.38 -16.56 -5.59
CA ALA B 318 34.98 -17.83 -5.21
C ALA B 318 36.09 -17.64 -4.19
N ALA B 319 36.88 -16.57 -4.32
CA ALA B 319 37.93 -16.31 -3.35
C ALA B 319 37.36 -16.10 -1.95
N LEU B 320 36.12 -15.62 -1.87
CA LEU B 320 35.50 -15.30 -0.59
C LEU B 320 34.67 -16.45 -0.03
N GLU B 321 34.61 -17.59 -0.71
CA GLU B 321 33.85 -18.72 -0.20
C GLU B 321 34.61 -19.44 0.92
N HIS B 322 33.84 -20.07 1.80
CA HIS B 322 34.37 -20.83 2.95
C HIS B 322 35.19 -19.93 3.89
MG MG C . -18.68 4.77 12.32
MG MG D . -15.86 6.85 7.62
MG MG E . -19.24 -0.74 -23.55
MG MG F . -30.95 -3.88 16.59
N1 UDP G . -20.69 0.87 8.29
C2 UDP G . -21.73 -0.04 8.37
N3 UDP G . -21.38 -1.29 8.82
C4 UDP G . -20.12 -1.71 9.19
C5 UDP G . -19.10 -0.72 9.06
C6 UDP G . -19.41 0.52 8.62
O2 UDP G . -22.89 0.24 8.06
O4 UDP G . -19.95 -2.87 9.59
C1' UDP G . -20.99 2.23 7.80
C2' UDP G . -20.53 3.33 8.75
O2' UDP G . -21.57 3.64 9.68
C3' UDP G . -20.25 4.49 7.79
C4' UDP G . -19.75 3.78 6.52
O4' UDP G . -20.27 2.44 6.59
O3' UDP G . -21.41 5.24 7.46
C5' UDP G . -18.25 3.74 6.36
O5' UDP G . -17.72 3.09 7.53
PA UDP G . -16.22 3.32 8.01
O1A UDP G . -15.35 2.81 6.92
O2A UDP G . -16.01 4.75 8.48
O3A UDP G . -16.09 2.40 9.28
PB UDP G . -14.96 2.51 10.39
O1B UDP G . -13.58 2.34 9.80
O2B UDP G . -15.35 1.41 11.37
O3B UDP G . -15.21 3.88 11.00
CL CL H . -8.07 6.70 2.04
MG MG I . 19.02 12.10 0.76
MG MG J . 15.99 8.55 4.18
N1 UDP K . 20.67 6.92 -1.81
C2 UDP K . 21.68 6.70 -2.74
N3 UDP K . 21.27 6.71 -4.05
C4 UDP K . 19.98 6.89 -4.52
C5 UDP K . 18.99 7.10 -3.49
C6 UDP K . 19.36 7.10 -2.21
O2 UDP K . 22.85 6.54 -2.43
O4 UDP K . 19.75 6.87 -5.73
C1' UDP K . 21.02 6.93 -0.37
C2' UDP K . 20.61 8.20 0.36
O2' UDP K . 21.67 9.14 0.33
C3' UDP K . 20.39 7.68 1.79
C4' UDP K . 19.86 6.26 1.56
O4' UDP K . 20.30 5.87 0.25
O3' UDP K . 21.59 7.64 2.56
C5' UDP K . 18.37 6.11 1.67
O5' UDP K . 17.84 7.05 0.71
PA UDP K . 16.38 7.64 0.85
O1A UDP K . 15.44 6.50 0.82
O2A UDP K . 16.29 8.61 2.02
O3A UDP K . 16.21 8.50 -0.44
PB UDP K . 15.19 9.67 -0.67
O1B UDP K . 15.44 10.05 -2.13
O2B UDP K . 15.71 10.77 0.26
O3B UDP K . 13.78 9.24 -0.38
CL CL L . 7.91 3.34 6.40
#